data_1IA4
#
_entry.id   1IA4
#
_cell.length_a   77.05
_cell.length_b   67.09
_cell.length_c   38.54
_cell.angle_alpha   90.00
_cell.angle_beta   93.43
_cell.angle_gamma   90.00
#
_symmetry.space_group_name_H-M   'P 1 21 1'
#
loop_
_entity.id
_entity.type
_entity.pdbx_description
1 polymer 'DIHYDROFOLATE REDUCTASE'
2 non-polymer 'NADPH DIHYDRO-NICOTINAMIDE-ADENINE-DINUCLEOTIDE PHOSPHATE'
3 non-polymer 5-(4-MORPHOLIN-4-YL-PHENYLSULFANYL)-2,4-QUINAZOLINEDIAMINE
4 non-polymer '2-(N-MORPHOLINO)-ETHANESULFONIC ACID'
5 water water
#
_entity_poly.entity_id   1
_entity_poly.type   'polypeptide(L)'
_entity_poly.pdbx_seq_one_letter_code
;MLKPNVAIIVAALKPALGIGYKGKMPWRLRKEIRYFKDVTTRTTKPNTRNAVIMGRKTWESIPQKFRPLPDRLNIILSRS
YENEIIDDNIIHASSIESSLNLVSDVERVFIIGGAEIYNELINNSLVSHLLITEIEHPSPESIEMDTFLKFPLESWTKQP
KSELQKFVGDTVLEDDIKEGDFTYNYTLWTRK
;
_entity_poly.pdbx_strand_id   A,B
#
# COMPACT_ATOMS: atom_id res chain seq x y z
N MET A 1 5.18 -16.28 -4.48
CA MET A 1 5.19 -14.79 -4.21
C MET A 1 4.10 -14.42 -3.23
N LEU A 2 4.39 -13.72 -2.14
CA LEU A 2 3.37 -13.40 -1.12
C LEU A 2 2.96 -11.96 -1.13
N LYS A 3 1.67 -11.68 -1.26
CA LYS A 3 1.09 -10.35 -1.27
C LYS A 3 1.89 -9.30 -2.04
N PRO A 4 2.16 -9.57 -3.32
CA PRO A 4 2.91 -8.59 -4.17
C PRO A 4 1.99 -7.37 -4.41
N ASN A 5 2.61 -6.28 -4.74
CA ASN A 5 1.81 -5.03 -5.15
C ASN A 5 1.46 -5.35 -6.62
N VAL A 6 0.28 -5.08 -7.05
CA VAL A 6 -0.15 -5.39 -8.44
C VAL A 6 -0.63 -4.04 -9.10
N ALA A 7 -0.39 -3.93 -10.38
CA ALA A 7 -0.84 -2.74 -11.10
C ALA A 7 -1.87 -3.10 -12.12
N ILE A 8 -2.86 -2.29 -12.40
CA ILE A 8 -3.80 -2.56 -13.47
C ILE A 8 -3.30 -1.68 -14.67
N ILE A 9 -3.32 -2.19 -15.88
CA ILE A 9 -2.92 -1.27 -17.01
C ILE A 9 -4.03 -1.36 -18.01
N VAL A 10 -4.59 -0.20 -18.35
CA VAL A 10 -5.74 -0.11 -19.27
C VAL A 10 -5.71 1.19 -20.11
N ALA A 11 -6.43 1.19 -21.18
CA ALA A 11 -6.56 2.34 -22.07
C ALA A 11 -8.05 2.66 -22.06
N ALA A 12 -8.36 3.91 -21.73
CA ALA A 12 -9.81 4.29 -21.66
C ALA A 12 -10.07 5.66 -22.27
N LEU A 13 -11.20 5.80 -22.91
CA LEU A 13 -11.69 7.01 -23.55
C LEU A 13 -12.45 7.88 -22.56
N LYS A 14 -11.92 9.11 -22.39
CA LYS A 14 -12.61 10.05 -21.45
C LYS A 14 -13.82 10.64 -22.15
N PRO A 15 -14.83 11.08 -21.41
CA PRO A 15 -14.90 11.08 -19.96
C PRO A 15 -15.60 9.85 -19.38
N ALA A 16 -16.25 9.05 -20.18
CA ALA A 16 -17.00 7.92 -19.62
C ALA A 16 -16.17 6.72 -19.26
N LEU A 17 -14.91 6.70 -19.64
CA LEU A 17 -14.03 5.54 -19.42
C LEU A 17 -14.53 4.34 -20.21
N GLY A 18 -14.84 4.56 -21.48
CA GLY A 18 -15.20 3.43 -22.40
C GLY A 18 -13.93 2.67 -22.71
N ILE A 19 -14.00 1.34 -22.81
CA ILE A 19 -12.83 0.50 -23.03
C ILE A 19 -12.99 -0.51 -24.15
N GLY A 20 -14.23 -0.67 -24.61
CA GLY A 20 -14.44 -1.64 -25.70
C GLY A 20 -15.83 -1.61 -26.28
N TYR A 21 -15.90 -2.39 -27.35
CA TYR A 21 -17.15 -2.54 -28.10
C TYR A 21 -17.18 -3.96 -28.65
N LYS A 22 -18.09 -4.72 -28.06
CA LYS A 22 -18.28 -6.11 -28.54
C LYS A 22 -17.00 -6.89 -28.60
N GLY A 23 -16.19 -6.75 -27.53
CA GLY A 23 -14.95 -7.51 -27.42
C GLY A 23 -13.70 -6.93 -27.99
N LYS A 24 -13.78 -5.73 -28.56
CA LYS A 24 -12.61 -5.07 -29.16
C LYS A 24 -12.45 -3.64 -28.75
N MET A 25 -11.20 -3.18 -28.75
CA MET A 25 -10.93 -1.74 -28.42
C MET A 25 -11.42 -0.98 -29.68
N PRO A 26 -12.17 0.08 -29.47
CA PRO A 26 -12.72 0.88 -30.56
C PRO A 26 -11.74 1.71 -31.35
N TRP A 27 -10.46 1.59 -31.12
CA TRP A 27 -9.37 2.36 -31.73
C TRP A 27 -8.15 1.49 -32.00
N ARG A 28 -7.26 2.00 -32.85
CA ARG A 28 -5.99 1.33 -33.14
C ARG A 28 -4.93 2.42 -32.92
N LEU A 29 -4.32 2.39 -31.77
CA LEU A 29 -3.28 3.33 -31.36
C LEU A 29 -1.97 2.60 -31.37
N ARG A 30 -1.26 2.71 -32.47
CA ARG A 30 0.03 2.03 -32.65
C ARG A 30 1.08 2.33 -31.64
N LYS A 31 1.20 3.59 -31.23
CA LYS A 31 2.21 3.90 -30.22
C LYS A 31 1.80 3.36 -28.85
N GLU A 32 0.53 3.45 -28.54
CA GLU A 32 -0.02 3.02 -27.24
C GLU A 32 0.25 1.52 -27.06
N ILE A 33 0.07 0.74 -28.13
CA ILE A 33 0.34 -0.73 -28.01
C ILE A 33 1.82 -0.96 -27.72
N ARG A 34 2.69 -0.14 -28.30
CA ARG A 34 4.13 -0.25 -28.07
C ARG A 34 4.46 0.02 -26.61
N TYR A 35 3.91 1.07 -26.03
CA TYR A 35 4.09 1.43 -24.60
C TYR A 35 3.59 0.19 -23.73
N PHE A 36 2.42 -0.29 -24.05
CA PHE A 36 1.89 -1.51 -23.29
C PHE A 36 2.98 -2.57 -23.30
N LYS A 37 3.54 -2.84 -24.47
CA LYS A 37 4.57 -3.88 -24.57
C LYS A 37 5.76 -3.56 -23.76
N ASP A 38 6.34 -2.38 -23.92
CA ASP A 38 7.55 -2.04 -23.15
C ASP A 38 7.34 -2.07 -21.64
N VAL A 39 6.24 -1.52 -21.16
CA VAL A 39 6.03 -1.47 -19.71
C VAL A 39 5.84 -2.86 -19.13
N THR A 40 5.04 -3.65 -19.83
CA THR A 40 4.77 -5.02 -19.20
C THR A 40 5.96 -5.91 -19.37
N THR A 41 6.91 -5.56 -20.25
CA THR A 41 8.05 -6.47 -20.44
C THR A 41 9.26 -6.06 -19.69
N ARG A 42 9.63 -4.79 -19.68
CA ARG A 42 10.88 -4.42 -18.98
C ARG A 42 10.88 -4.69 -17.48
N THR A 43 12.09 -5.12 -17.09
CA THR A 43 12.45 -5.43 -15.71
C THR A 43 13.82 -4.79 -15.43
N THR A 44 14.08 -4.62 -14.15
CA THR A 44 15.34 -4.03 -13.67
C THR A 44 16.23 -5.06 -13.05
N LYS A 45 15.66 -6.06 -12.42
CA LYS A 45 16.42 -7.16 -11.78
C LYS A 45 16.83 -8.14 -12.86
N PRO A 46 17.88 -8.92 -12.59
CA PRO A 46 18.53 -9.84 -13.48
C PRO A 46 17.83 -10.99 -14.13
N ASN A 47 17.50 -11.97 -13.30
CA ASN A 47 16.90 -13.22 -13.77
C ASN A 47 15.40 -13.13 -13.57
N THR A 48 14.87 -11.91 -13.81
CA THR A 48 13.40 -11.81 -13.58
C THR A 48 12.63 -11.49 -14.84
N ARG A 49 11.34 -11.58 -14.67
CA ARG A 49 10.36 -11.24 -15.69
C ARG A 49 9.13 -10.69 -14.97
N ASN A 50 8.26 -10.10 -15.77
CA ASN A 50 6.98 -9.59 -15.14
C ASN A 50 5.90 -10.64 -15.45
N ALA A 51 4.81 -10.53 -14.74
CA ALA A 51 3.69 -11.47 -15.02
C ALA A 51 2.55 -10.61 -15.55
N VAL A 52 1.77 -11.09 -16.46
CA VAL A 52 0.57 -10.42 -16.93
C VAL A 52 -0.64 -11.31 -16.53
N ILE A 53 -1.65 -10.76 -15.98
CA ILE A 53 -2.85 -11.55 -15.60
C ILE A 53 -3.99 -11.13 -16.51
N MET A 54 -4.74 -12.12 -17.07
CA MET A 54 -5.86 -11.80 -17.95
C MET A 54 -7.05 -12.75 -17.70
N GLY A 55 -8.23 -12.42 -18.02
CA GLY A 55 -9.42 -13.25 -17.90
C GLY A 55 -9.36 -14.24 -19.05
N ARG A 56 -10.11 -15.31 -18.90
CA ARG A 56 -10.10 -16.39 -19.92
C ARG A 56 -10.60 -15.83 -21.24
N LYS A 57 -11.57 -14.97 -21.29
CA LYS A 57 -12.07 -14.46 -22.59
C LYS A 57 -11.05 -13.66 -23.37
N THR A 58 -10.27 -12.82 -22.66
CA THR A 58 -9.18 -12.07 -23.35
C THR A 58 -8.18 -13.08 -23.90
N TRP A 59 -7.76 -14.09 -23.11
CA TRP A 59 -6.80 -15.10 -23.61
C TRP A 59 -7.29 -15.68 -24.94
N GLU A 60 -8.53 -16.10 -24.91
CA GLU A 60 -9.17 -16.74 -26.03
C GLU A 60 -9.30 -15.84 -27.27
N SER A 61 -9.28 -14.53 -27.03
CA SER A 61 -9.37 -13.56 -28.13
C SER A 61 -8.02 -13.37 -28.77
N ILE A 62 -6.92 -13.76 -28.18
CA ILE A 62 -5.62 -13.64 -28.86
C ILE A 62 -5.53 -14.83 -29.83
N PRO A 63 -5.14 -14.54 -31.06
CA PRO A 63 -4.93 -15.63 -32.07
C PRO A 63 -3.97 -16.66 -31.46
N GLN A 64 -4.30 -17.94 -31.61
CA GLN A 64 -3.46 -18.99 -31.00
C GLN A 64 -2.01 -18.91 -31.25
N LYS A 65 -1.57 -18.46 -32.42
CA LYS A 65 -0.15 -18.35 -32.80
C LYS A 65 0.49 -17.20 -32.03
N PHE A 66 -0.34 -16.27 -31.51
CA PHE A 66 0.19 -15.11 -30.77
C PHE A 66 0.17 -15.17 -29.26
N ARG A 67 -0.12 -16.35 -28.75
CA ARG A 67 -0.19 -16.61 -27.31
C ARG A 67 0.77 -17.71 -27.01
N PRO A 68 1.47 -17.70 -25.88
CA PRO A 68 1.38 -16.70 -24.84
C PRO A 68 2.09 -15.38 -25.26
N LEU A 69 1.75 -14.28 -24.56
CA LEU A 69 2.50 -13.02 -24.83
C LEU A 69 3.92 -13.26 -24.49
N PRO A 70 4.86 -13.03 -25.42
CA PRO A 70 6.25 -13.33 -25.17
C PRO A 70 6.93 -12.46 -24.16
N ASP A 71 7.95 -13.03 -23.53
CA ASP A 71 8.81 -12.35 -22.53
C ASP A 71 8.14 -12.03 -21.20
N ARG A 72 6.96 -12.59 -20.96
CA ARG A 72 6.26 -12.38 -19.67
C ARG A 72 5.57 -13.72 -19.28
N LEU A 73 5.45 -13.87 -17.97
CA LEU A 73 4.67 -15.05 -17.46
C LEU A 73 3.21 -14.72 -17.72
N ASN A 74 2.44 -15.54 -18.42
CA ASN A 74 1.04 -15.26 -18.66
C ASN A 74 0.19 -16.04 -17.56
N ILE A 75 -0.70 -15.38 -16.92
CA ILE A 75 -1.60 -16.07 -15.97
C ILE A 75 -3.00 -15.86 -16.48
N ILE A 76 -3.77 -16.94 -16.64
CA ILE A 76 -5.14 -16.85 -17.08
C ILE A 76 -6.10 -17.31 -15.97
N LEU A 77 -7.05 -16.46 -15.64
CA LEU A 77 -8.03 -16.73 -14.60
C LEU A 77 -9.33 -17.25 -15.21
N SER A 78 -9.83 -18.29 -14.57
CA SER A 78 -11.15 -18.83 -14.97
C SER A 78 -11.72 -19.41 -13.63
N ARG A 79 -13.00 -19.26 -13.42
CA ARG A 79 -13.65 -19.82 -12.22
C ARG A 79 -13.66 -21.33 -12.27
N SER A 80 -13.52 -21.89 -13.47
CA SER A 80 -13.47 -23.33 -13.72
C SER A 80 -12.07 -23.94 -13.65
N TYR A 81 -11.02 -23.11 -13.49
CA TYR A 81 -9.69 -23.65 -13.49
C TYR A 81 -9.17 -24.11 -12.13
N GLU A 82 -8.34 -25.09 -12.31
CA GLU A 82 -7.54 -25.64 -11.17
C GLU A 82 -6.26 -24.83 -11.15
N ASN A 83 -5.61 -24.72 -10.03
CA ASN A 83 -4.34 -23.92 -9.95
C ASN A 83 -3.28 -24.83 -10.52
N GLU A 84 -2.68 -24.47 -11.64
CA GLU A 84 -1.73 -25.38 -12.32
C GLU A 84 -0.79 -24.60 -13.22
N ILE A 85 0.45 -25.01 -13.27
CA ILE A 85 1.52 -24.53 -14.12
C ILE A 85 1.42 -25.35 -15.40
N ILE A 86 1.06 -24.74 -16.50
CA ILE A 86 1.01 -25.46 -17.78
C ILE A 86 2.43 -25.67 -18.27
N ASP A 87 3.16 -24.56 -18.42
CA ASP A 87 4.56 -24.61 -18.85
C ASP A 87 5.28 -23.45 -18.14
N ASP A 88 6.51 -23.18 -18.52
CA ASP A 88 7.20 -22.00 -17.87
C ASP A 88 6.62 -20.64 -18.21
N ASN A 89 5.72 -20.50 -19.16
CA ASN A 89 5.13 -19.19 -19.50
C ASN A 89 3.67 -19.11 -19.24
N ILE A 90 3.03 -20.26 -18.89
CA ILE A 90 1.57 -20.19 -18.73
C ILE A 90 1.13 -20.79 -17.36
N ILE A 91 0.29 -20.12 -16.68
CA ILE A 91 -0.32 -20.55 -15.40
C ILE A 91 -1.79 -20.45 -15.54
N HIS A 92 -2.50 -21.40 -15.00
CA HIS A 92 -3.98 -21.37 -14.93
C HIS A 92 -4.34 -21.22 -13.48
N ALA A 93 -5.33 -20.38 -13.20
CA ALA A 93 -5.71 -20.24 -11.77
C ALA A 93 -7.12 -19.83 -11.67
N SER A 94 -7.71 -19.94 -10.47
CA SER A 94 -9.07 -19.50 -10.26
C SER A 94 -9.11 -18.24 -9.39
N SER A 95 -7.98 -17.72 -8.93
CA SER A 95 -7.98 -16.48 -8.15
C SER A 95 -6.58 -15.83 -8.34
N ILE A 96 -6.60 -14.53 -8.16
CA ILE A 96 -5.30 -13.77 -8.35
C ILE A 96 -4.31 -14.27 -7.34
N GLU A 97 -4.77 -14.35 -6.08
CA GLU A 97 -3.90 -14.72 -5.00
C GLU A 97 -3.32 -16.09 -5.07
N SER A 98 -4.12 -17.04 -5.54
CA SER A 98 -3.72 -18.44 -5.75
C SER A 98 -2.71 -18.50 -6.88
N SER A 99 -2.91 -17.71 -7.93
CA SER A 99 -1.95 -17.76 -9.04
C SER A 99 -0.55 -17.32 -8.60
N LEU A 100 -0.55 -16.32 -7.73
CA LEU A 100 0.75 -15.72 -7.27
C LEU A 100 1.54 -16.66 -6.42
N ASN A 101 0.85 -17.60 -5.78
CA ASN A 101 1.52 -18.65 -4.99
C ASN A 101 2.34 -19.55 -5.88
N LEU A 102 2.08 -19.60 -7.17
CA LEU A 102 2.83 -20.49 -8.07
C LEU A 102 4.05 -19.89 -8.72
N VAL A 103 4.29 -18.62 -8.42
CA VAL A 103 5.39 -17.94 -9.10
C VAL A 103 6.53 -17.57 -8.13
N SER A 104 7.66 -17.48 -8.79
CA SER A 104 8.95 -16.99 -8.20
C SER A 104 9.71 -16.34 -9.37
N ASP A 105 10.62 -15.43 -9.04
CA ASP A 105 11.44 -14.75 -10.08
C ASP A 105 10.58 -13.87 -11.00
N VAL A 106 9.64 -13.20 -10.34
CA VAL A 106 8.74 -12.23 -10.98
C VAL A 106 9.08 -10.88 -10.34
N GLU A 107 9.28 -9.90 -11.19
CA GLU A 107 9.54 -8.52 -10.66
C GLU A 107 8.23 -7.81 -10.46
N ARG A 108 7.49 -7.43 -11.48
CA ARG A 108 6.17 -6.80 -11.29
C ARG A 108 4.99 -7.61 -11.83
N VAL A 109 3.83 -7.27 -11.36
CA VAL A 109 2.60 -7.97 -11.81
C VAL A 109 1.63 -7.00 -12.39
N PHE A 110 1.10 -7.29 -13.56
CA PHE A 110 0.12 -6.42 -14.17
C PHE A 110 -1.16 -7.15 -14.51
N ILE A 111 -2.26 -6.57 -14.23
CA ILE A 111 -3.58 -7.18 -14.71
C ILE A 111 -3.78 -6.46 -16.08
N ILE A 112 -4.05 -7.14 -17.09
CA ILE A 112 -4.22 -6.60 -18.44
C ILE A 112 -5.58 -6.58 -18.98
N GLY A 113 -6.58 -7.22 -18.34
CA GLY A 113 -7.93 -7.14 -18.91
C GLY A 113 -8.60 -8.55 -18.74
N GLY A 114 -9.82 -8.71 -19.17
CA GLY A 114 -10.67 -7.69 -19.77
C GLY A 114 -11.52 -6.93 -18.82
N ALA A 115 -12.69 -6.48 -19.32
CA ALA A 115 -13.63 -5.67 -18.57
C ALA A 115 -14.05 -6.27 -17.23
N GLU A 116 -14.46 -7.53 -17.28
CA GLU A 116 -14.91 -8.14 -15.99
C GLU A 116 -13.75 -8.23 -15.05
N ILE A 117 -12.56 -8.58 -15.53
CA ILE A 117 -11.36 -8.62 -14.65
C ILE A 117 -11.07 -7.30 -14.01
N TYR A 118 -11.06 -6.21 -14.81
CA TYR A 118 -10.81 -4.86 -14.35
C TYR A 118 -11.76 -4.45 -13.23
N ASN A 119 -13.05 -4.61 -13.51
CA ASN A 119 -14.14 -4.22 -12.65
C ASN A 119 -14.20 -4.97 -11.33
N GLU A 120 -13.75 -6.21 -11.33
CA GLU A 120 -13.73 -7.03 -10.09
C GLU A 120 -12.48 -6.81 -9.29
N LEU A 121 -11.31 -6.77 -9.90
CA LEU A 121 -10.01 -6.66 -9.27
C LEU A 121 -9.58 -5.29 -8.80
N ILE A 122 -10.30 -4.27 -9.27
CA ILE A 122 -10.04 -2.91 -8.79
C ILE A 122 -10.31 -2.85 -7.28
N ASN A 123 -11.22 -3.73 -6.79
CA ASN A 123 -11.56 -3.73 -5.37
C ASN A 123 -10.68 -4.65 -4.54
N ASN A 124 -9.70 -5.23 -5.12
CA ASN A 124 -8.79 -6.14 -4.36
C ASN A 124 -7.66 -5.26 -3.85
N SER A 125 -7.42 -5.30 -2.54
CA SER A 125 -6.37 -4.47 -1.92
C SER A 125 -4.99 -4.83 -2.31
N LEU A 126 -4.69 -5.87 -3.07
CA LEU A 126 -3.35 -6.13 -3.65
C LEU A 126 -3.09 -5.05 -4.78
N VAL A 127 -4.16 -4.56 -5.32
CA VAL A 127 -4.01 -3.55 -6.43
C VAL A 127 -3.56 -2.23 -5.78
N SER A 128 -2.33 -1.89 -6.09
CA SER A 128 -1.74 -0.67 -5.62
C SER A 128 -1.58 0.45 -6.65
N HIS A 129 -1.47 0.18 -7.89
CA HIS A 129 -1.25 1.28 -8.91
C HIS A 129 -2.15 1.11 -10.10
N LEU A 130 -2.57 2.16 -10.78
CA LEU A 130 -3.35 2.08 -11.99
C LEU A 130 -2.54 2.82 -13.05
N LEU A 131 -2.35 2.17 -14.15
CA LEU A 131 -1.63 2.83 -15.32
C LEU A 131 -2.77 2.94 -16.36
N ILE A 132 -3.31 4.18 -16.35
CA ILE A 132 -4.42 4.48 -17.24
C ILE A 132 -4.00 5.36 -18.41
N THR A 133 -4.18 4.88 -19.61
CA THR A 133 -3.88 5.81 -20.78
C THR A 133 -5.21 6.56 -20.99
N GLU A 134 -5.19 7.84 -20.77
CA GLU A 134 -6.46 8.64 -20.91
C GLU A 134 -6.48 9.15 -22.36
N ILE A 135 -7.46 8.74 -23.08
CA ILE A 135 -7.66 9.02 -24.47
C ILE A 135 -8.75 10.08 -24.56
N GLU A 136 -8.59 10.93 -25.55
CA GLU A 136 -9.56 12.04 -25.78
C GLU A 136 -9.82 12.09 -27.26
N HIS A 137 -11.05 12.48 -27.59
CA HIS A 137 -11.45 12.54 -29.04
C HIS A 137 -12.45 13.70 -29.08
N PRO A 138 -12.48 14.40 -30.20
CA PRO A 138 -13.39 15.56 -30.36
C PRO A 138 -14.84 15.21 -30.14
N SER A 139 -15.27 14.10 -30.68
CA SER A 139 -16.70 13.62 -30.57
C SER A 139 -16.74 12.21 -30.02
N PRO A 140 -16.53 12.11 -28.70
CA PRO A 140 -16.45 10.82 -28.00
C PRO A 140 -17.67 9.95 -28.24
N GLU A 141 -18.78 10.64 -28.40
CA GLU A 141 -20.10 10.05 -28.61
C GLU A 141 -20.21 9.42 -29.98
N SER A 142 -19.31 9.80 -30.88
CA SER A 142 -19.36 9.19 -32.22
C SER A 142 -18.81 7.79 -32.18
N ILE A 143 -18.03 7.51 -31.13
CA ILE A 143 -17.38 6.17 -30.99
C ILE A 143 -18.33 5.22 -30.26
N GLU A 144 -18.68 4.16 -30.96
CA GLU A 144 -19.58 3.14 -30.38
C GLU A 144 -18.85 2.30 -29.34
N MET A 145 -19.51 2.26 -28.18
CA MET A 145 -18.90 1.53 -27.02
C MET A 145 -20.00 0.92 -26.17
N ASP A 146 -19.66 -0.23 -25.62
CA ASP A 146 -20.61 -0.96 -24.76
C ASP A 146 -20.05 -1.34 -23.40
N THR A 147 -18.75 -1.19 -23.25
CA THR A 147 -18.05 -1.63 -22.00
C THR A 147 -17.34 -0.50 -21.35
N PHE A 148 -17.43 -0.37 -20.03
CA PHE A 148 -16.86 0.80 -19.34
C PHE A 148 -16.21 0.39 -18.02
N LEU A 149 -15.25 1.21 -17.59
CA LEU A 149 -14.59 0.99 -16.32
C LEU A 149 -15.59 1.48 -15.25
N LYS A 150 -15.59 0.77 -14.18
CA LYS A 150 -16.44 1.17 -13.04
C LYS A 150 -15.41 1.22 -11.92
N PHE A 151 -14.63 2.30 -12.00
CA PHE A 151 -13.53 2.45 -11.02
C PHE A 151 -13.89 3.55 -10.03
N PRO A 152 -13.69 3.26 -8.76
CA PRO A 152 -13.96 4.27 -7.71
C PRO A 152 -12.85 5.29 -7.62
N LEU A 153 -12.66 6.16 -8.58
CA LEU A 153 -11.51 7.10 -8.64
C LEU A 153 -11.48 8.19 -7.59
N GLU A 154 -12.58 8.29 -6.84
CA GLU A 154 -12.63 9.24 -5.72
C GLU A 154 -11.72 8.81 -4.62
N SER A 155 -11.37 7.53 -4.58
CA SER A 155 -10.45 6.93 -3.63
C SER A 155 -9.04 6.80 -4.18
N TRP A 156 -8.76 7.33 -5.37
CA TRP A 156 -7.38 7.20 -5.96
C TRP A 156 -6.80 8.58 -6.25
N THR A 157 -5.51 8.72 -6.32
CA THR A 157 -4.90 10.08 -6.59
C THR A 157 -4.08 9.99 -7.87
N LYS A 158 -4.29 10.93 -8.79
CA LYS A 158 -3.47 10.94 -10.04
C LYS A 158 -2.12 11.49 -9.73
N GLN A 159 -1.05 10.76 -10.00
CA GLN A 159 0.30 11.27 -9.65
C GLN A 159 0.85 12.20 -10.78
N PRO A 160 1.86 12.99 -10.38
CA PRO A 160 2.55 13.89 -11.34
C PRO A 160 3.31 13.01 -12.34
N LYS A 161 3.60 13.49 -13.53
CA LYS A 161 4.37 12.68 -14.50
C LYS A 161 5.70 12.21 -13.96
N SER A 162 6.34 12.92 -13.05
CA SER A 162 7.62 12.51 -12.50
C SER A 162 7.53 11.10 -11.86
N GLU A 163 6.42 10.88 -11.20
CA GLU A 163 6.14 9.60 -10.51
C GLU A 163 5.93 8.49 -11.50
N LEU A 164 5.20 8.78 -12.56
CA LEU A 164 5.05 7.81 -13.64
C LEU A 164 6.40 7.48 -14.23
N GLN A 165 7.23 8.49 -14.52
CA GLN A 165 8.51 8.29 -15.19
C GLN A 165 9.37 7.34 -14.31
N LYS A 166 9.26 7.63 -13.04
CA LYS A 166 10.02 6.80 -12.05
C LYS A 166 9.50 5.38 -12.17
N PHE A 167 8.22 5.23 -12.28
CA PHE A 167 7.56 3.93 -12.43
C PHE A 167 8.07 3.12 -13.59
N VAL A 168 8.06 3.68 -14.79
CA VAL A 168 8.44 3.01 -16.02
C VAL A 168 9.90 3.07 -16.34
N GLY A 169 10.73 3.72 -15.55
CA GLY A 169 12.18 3.84 -15.80
C GLY A 169 12.59 4.51 -17.08
N ASP A 170 13.31 3.83 -17.96
CA ASP A 170 13.82 4.26 -19.24
C ASP A 170 12.82 4.49 -20.38
N THR A 171 11.61 4.01 -20.26
CA THR A 171 10.58 4.18 -21.31
C THR A 171 10.36 5.69 -21.51
N VAL A 172 10.31 6.01 -22.80
CA VAL A 172 10.08 7.39 -23.30
C VAL A 172 8.59 7.70 -23.19
N LEU A 173 8.28 8.74 -22.44
CA LEU A 173 6.89 9.21 -22.29
C LEU A 173 6.64 10.51 -23.06
N GLU A 174 5.99 10.38 -24.20
CA GLU A 174 5.62 11.56 -25.02
C GLU A 174 4.34 12.14 -24.48
N ASP A 175 4.13 13.45 -24.68
CA ASP A 175 2.93 14.13 -24.17
C ASP A 175 1.97 14.33 -25.32
N ASP A 176 0.68 14.38 -25.08
CA ASP A 176 -0.36 14.59 -26.07
C ASP A 176 -0.13 13.89 -27.37
N ILE A 177 0.03 12.58 -27.32
CA ILE A 177 0.26 11.77 -28.52
C ILE A 177 -0.97 11.84 -29.41
N LYS A 178 -0.74 12.11 -30.68
CA LYS A 178 -1.90 12.15 -31.61
C LYS A 178 -1.79 11.08 -32.65
N GLU A 179 -2.86 10.37 -32.84
CA GLU A 179 -3.03 9.32 -33.85
C GLU A 179 -4.43 9.46 -34.41
N GLY A 180 -4.52 9.86 -35.67
CA GLY A 180 -5.88 10.06 -36.25
C GLY A 180 -6.54 11.15 -35.39
N ASP A 181 -7.79 10.93 -34.99
CA ASP A 181 -8.45 11.99 -34.17
C ASP A 181 -8.25 11.80 -32.66
N PHE A 182 -7.42 10.87 -32.26
CA PHE A 182 -7.29 10.61 -30.80
C PHE A 182 -6.03 11.26 -30.25
N THR A 183 -6.18 11.79 -29.06
CA THR A 183 -5.06 12.36 -28.29
C THR A 183 -5.02 11.61 -26.95
N TYR A 184 -3.85 11.19 -26.60
CA TYR A 184 -3.75 10.41 -25.31
C TYR A 184 -2.54 10.79 -24.53
N ASN A 185 -2.61 10.47 -23.23
CA ASN A 185 -1.56 10.69 -22.27
C ASN A 185 -1.54 9.44 -21.28
N TYR A 186 -0.34 9.17 -20.84
CA TYR A 186 -0.17 8.06 -19.84
C TYR A 186 -0.26 8.62 -18.48
N THR A 187 -0.88 7.95 -17.52
CA THR A 187 -1.05 8.43 -16.15
C THR A 187 -0.80 7.27 -15.15
N LEU A 188 -0.48 7.69 -13.97
CA LEU A 188 -0.25 6.73 -12.86
C LEU A 188 -1.18 7.17 -11.73
N TRP A 189 -1.83 6.27 -11.05
CA TRP A 189 -2.69 6.66 -9.88
C TRP A 189 -2.32 5.70 -8.73
N THR A 190 -2.42 6.16 -7.53
CA THR A 190 -2.20 5.38 -6.33
C THR A 190 -3.39 5.59 -5.40
N ARG A 191 -3.51 4.77 -4.37
CA ARG A 191 -4.65 4.85 -3.46
C ARG A 191 -4.42 5.98 -2.43
N LYS A 192 -5.50 6.69 -2.13
CA LYS A 192 -5.35 7.69 -1.04
C LYS A 192 -5.23 6.97 0.33
N MET B 1 -15.06 -2.29 0.34
CA MET B 1 -13.72 -3.01 0.49
C MET B 1 -13.39 -3.09 1.97
N LEU B 2 -12.78 -4.21 2.35
CA LEU B 2 -12.40 -4.34 3.79
C LEU B 2 -11.07 -3.63 4.02
N LYS B 3 -11.07 -2.95 5.15
CA LYS B 3 -9.85 -2.16 5.52
C LYS B 3 -9.52 -2.45 6.97
N PRO B 4 -8.22 -2.47 7.28
CA PRO B 4 -7.75 -2.69 8.67
C PRO B 4 -7.98 -1.41 9.48
N ASN B 5 -7.94 -1.57 10.79
CA ASN B 5 -8.05 -0.43 11.74
C ASN B 5 -6.62 -0.08 12.19
N VAL B 6 -6.12 1.01 11.73
CA VAL B 6 -4.75 1.46 11.91
C VAL B 6 -4.61 2.73 12.72
N ALA B 7 -3.60 2.77 13.56
CA ALA B 7 -3.23 3.89 14.36
C ALA B 7 -1.70 4.00 14.43
N ILE B 8 -1.25 5.27 14.58
CA ILE B 8 0.15 5.56 14.85
C ILE B 8 0.23 5.85 16.35
N ILE B 9 1.23 5.35 17.01
CA ILE B 9 1.45 5.60 18.42
C ILE B 9 2.85 6.21 18.52
N VAL B 10 2.92 7.33 19.23
CA VAL B 10 4.23 8.07 19.33
C VAL B 10 4.29 8.88 20.61
N ALA B 11 5.52 9.14 21.07
CA ALA B 11 5.77 9.95 22.29
C ALA B 11 6.71 11.09 21.79
N ALA B 12 6.25 12.30 21.99
CA ALA B 12 7.05 13.47 21.46
C ALA B 12 7.15 14.57 22.51
N LEU B 13 8.15 15.45 22.35
CA LEU B 13 8.31 16.58 23.28
C LEU B 13 7.76 17.87 22.71
N LYS B 14 6.90 18.50 23.49
CA LYS B 14 6.35 19.82 23.14
C LYS B 14 7.43 20.86 23.44
N PRO B 15 7.52 21.91 22.67
CA PRO B 15 6.60 22.26 21.59
C PRO B 15 7.00 21.75 20.22
N ALA B 16 8.26 21.38 20.04
CA ALA B 16 8.79 20.98 18.72
C ALA B 16 8.35 19.64 18.20
N LEU B 17 7.97 18.69 19.06
CA LEU B 17 7.58 17.38 18.66
C LEU B 17 8.80 16.54 18.32
N GLY B 18 9.76 16.64 19.20
CA GLY B 18 11.05 15.90 19.07
C GLY B 18 10.74 14.45 19.48
N ILE B 19 11.25 13.55 18.71
CA ILE B 19 11.04 12.13 18.97
C ILE B 19 12.28 11.35 19.24
N GLY B 20 13.46 11.88 18.95
CA GLY B 20 14.67 11.07 19.16
C GLY B 20 15.93 11.85 18.91
N TYR B 21 17.02 11.17 19.21
CA TYR B 21 18.35 11.75 18.97
C TYR B 21 19.29 10.58 18.77
N LYS B 22 19.90 10.50 17.61
CA LYS B 22 20.86 9.40 17.33
C LYS B 22 20.17 8.06 17.46
N GLY B 23 18.89 8.02 17.08
CA GLY B 23 18.15 6.77 17.12
C GLY B 23 17.61 6.31 18.42
N LYS B 24 17.59 7.14 19.43
CA LYS B 24 17.05 6.73 20.78
C LYS B 24 16.10 7.82 21.27
N MET B 25 15.19 7.46 22.15
CA MET B 25 14.31 8.52 22.74
C MET B 25 15.22 9.13 23.83
N PRO B 26 15.22 10.44 23.88
CA PRO B 26 16.02 11.17 24.86
C PRO B 26 15.55 11.06 26.28
N TRP B 27 14.56 10.27 26.58
CA TRP B 27 13.95 10.06 27.91
C TRP B 27 13.71 8.59 28.23
N ARG B 28 13.54 8.32 29.53
CA ARG B 28 13.19 6.97 30.01
C ARG B 28 12.01 7.15 30.98
N LEU B 29 10.82 6.93 30.43
CA LEU B 29 9.58 7.09 31.22
C LEU B 29 8.97 5.73 31.48
N ARG B 30 9.03 5.31 32.71
CA ARG B 30 8.59 3.99 33.13
C ARG B 30 7.12 3.76 32.88
N LYS B 31 6.29 4.69 33.31
CA LYS B 31 4.86 4.52 33.12
C LYS B 31 4.51 4.64 31.64
N GLU B 32 5.25 5.46 30.91
CA GLU B 32 4.97 5.62 29.45
C GLU B 32 5.27 4.36 28.68
N ILE B 33 6.32 3.63 29.02
CA ILE B 33 6.61 2.35 28.32
C ILE B 33 5.53 1.30 28.66
N ARG B 34 4.98 1.43 29.87
CA ARG B 34 3.90 0.49 30.27
C ARG B 34 2.65 0.84 29.52
N TYR B 35 2.33 2.15 29.38
CA TYR B 35 1.12 2.49 28.57
C TYR B 35 1.31 1.93 27.16
N PHE B 36 2.49 2.11 26.56
CA PHE B 36 2.73 1.58 25.19
C PHE B 36 2.39 0.08 25.09
N LYS B 37 2.99 -0.67 26.00
CA LYS B 37 2.79 -2.13 26.03
C LYS B 37 1.32 -2.49 26.18
N ASP B 38 0.62 -1.95 27.16
CA ASP B 38 -0.78 -2.20 27.40
C ASP B 38 -1.66 -1.80 26.20
N VAL B 39 -1.48 -0.60 25.65
CA VAL B 39 -2.33 -0.18 24.54
C VAL B 39 -2.01 -1.01 23.31
N THR B 40 -0.81 -1.29 23.00
CA THR B 40 -0.60 -2.13 21.77
C THR B 40 -0.98 -3.59 21.94
N THR B 41 -1.11 -4.10 23.16
CA THR B 41 -1.39 -5.50 23.45
C THR B 41 -2.83 -5.79 23.64
N ARG B 42 -3.50 -4.86 24.26
CA ARG B 42 -4.94 -5.05 24.62
C ARG B 42 -5.84 -5.29 23.45
N THR B 43 -6.75 -6.27 23.62
CA THR B 43 -7.79 -6.56 22.63
C THR B 43 -9.15 -6.70 23.31
N THR B 44 -10.19 -6.64 22.49
CA THR B 44 -11.56 -6.66 23.01
C THR B 44 -11.95 -8.05 23.49
N LYS B 45 -11.37 -9.07 22.96
CA LYS B 45 -11.75 -10.45 23.29
C LYS B 45 -10.53 -11.32 23.44
N PRO B 46 -10.71 -12.37 24.27
CA PRO B 46 -9.61 -13.30 24.55
C PRO B 46 -9.23 -13.99 23.27
N ASN B 47 -8.04 -14.48 23.11
CA ASN B 47 -7.61 -15.27 21.98
C ASN B 47 -7.59 -14.50 20.66
N THR B 48 -7.29 -13.21 20.83
CA THR B 48 -7.11 -12.31 19.63
C THR B 48 -5.85 -11.50 19.89
N ARG B 49 -5.29 -10.84 18.86
CA ARG B 49 -4.07 -10.01 19.08
C ARG B 49 -4.05 -8.86 18.03
N ASN B 50 -3.12 -7.95 18.33
CA ASN B 50 -2.92 -6.77 17.41
C ASN B 50 -1.64 -6.97 16.64
N ALA B 51 -1.35 -6.08 15.66
CA ALA B 51 -0.06 -6.16 14.91
C ALA B 51 0.68 -4.87 15.26
N VAL B 52 1.95 -4.85 15.20
CA VAL B 52 2.84 -3.70 15.33
C VAL B 52 3.70 -3.69 14.06
N ILE B 53 3.68 -2.53 13.40
CA ILE B 53 4.42 -2.29 12.14
C ILE B 53 5.56 -1.35 12.53
N MET B 54 6.74 -1.63 12.11
CA MET B 54 8.02 -0.95 12.40
C MET B 54 8.97 -1.05 11.23
N GLY B 55 9.92 -0.09 11.26
CA GLY B 55 11.00 0.00 10.29
C GLY B 55 12.14 -0.91 10.72
N ARG B 56 13.00 -1.24 9.77
CA ARG B 56 14.17 -2.11 10.05
C ARG B 56 15.03 -1.54 11.13
N LYS B 57 15.32 -0.24 11.09
CA LYS B 57 16.16 0.38 12.12
C LYS B 57 15.55 0.31 13.50
N THR B 58 14.26 0.41 13.69
CA THR B 58 13.71 0.30 15.08
C THR B 58 13.85 -1.15 15.50
N TRP B 59 13.53 -2.09 14.63
CA TRP B 59 13.63 -3.54 14.99
C TRP B 59 15.02 -3.87 15.49
N GLU B 60 16.01 -3.50 14.71
CA GLU B 60 17.39 -3.80 15.05
C GLU B 60 17.85 -3.16 16.32
N SER B 61 17.11 -2.13 16.71
CA SER B 61 17.48 -1.42 17.94
C SER B 61 16.98 -2.07 19.20
N ILE B 62 16.26 -3.16 19.07
CA ILE B 62 15.70 -3.93 20.21
C ILE B 62 16.70 -5.11 20.40
N PRO B 63 17.18 -5.23 21.61
CA PRO B 63 18.13 -6.32 21.98
C PRO B 63 17.45 -7.61 21.55
N GLN B 64 18.21 -8.48 20.93
CA GLN B 64 17.64 -9.72 20.39
C GLN B 64 16.83 -10.57 21.34
N LYS B 65 17.08 -10.49 22.64
CA LYS B 65 16.34 -11.37 23.58
C LYS B 65 14.94 -10.79 23.82
N PHE B 66 14.79 -9.52 23.47
CA PHE B 66 13.59 -8.76 23.59
C PHE B 66 12.73 -8.66 22.34
N ARG B 67 13.18 -9.35 21.29
CA ARG B 67 12.32 -9.33 20.07
C ARG B 67 11.87 -10.74 19.79
N PRO B 68 10.70 -10.98 19.25
CA PRO B 68 9.71 -9.96 18.84
C PRO B 68 9.01 -9.44 20.06
N LEU B 69 8.33 -8.30 19.91
CA LEU B 69 7.57 -7.73 21.08
C LEU B 69 6.52 -8.82 21.36
N PRO B 70 6.44 -9.25 22.60
CA PRO B 70 5.49 -10.30 22.95
C PRO B 70 4.04 -9.99 22.72
N ASP B 71 3.24 -10.98 22.40
CA ASP B 71 1.76 -10.91 22.40
C ASP B 71 1.17 -10.10 21.26
N ARG B 72 2.04 -9.81 20.31
CA ARG B 72 1.64 -9.06 19.11
C ARG B 72 2.36 -9.64 17.90
N LEU B 73 1.70 -9.46 16.76
CA LEU B 73 2.33 -9.88 15.46
C LEU B 73 3.28 -8.71 15.07
N ASN B 74 4.53 -8.93 14.85
CA ASN B 74 5.51 -7.90 14.51
C ASN B 74 5.75 -7.89 13.00
N ILE B 75 5.51 -6.76 12.35
CA ILE B 75 5.83 -6.71 10.88
C ILE B 75 7.04 -5.78 10.76
N ILE B 76 8.02 -6.14 9.99
CA ILE B 76 9.21 -5.25 9.87
C ILE B 76 9.37 -4.93 8.37
N LEU B 77 9.57 -3.64 8.06
CA LEU B 77 9.74 -3.13 6.73
C LEU B 77 11.23 -2.89 6.39
N SER B 78 11.59 -3.33 5.21
CA SER B 78 12.93 -3.13 4.65
C SER B 78 12.80 -3.07 3.15
N ARG B 79 13.59 -2.16 2.51
CA ARG B 79 13.47 -2.18 1.04
C ARG B 79 14.22 -3.35 0.46
N SER B 80 14.94 -4.12 1.25
CA SER B 80 15.69 -5.27 0.80
C SER B 80 15.01 -6.63 1.05
N TYR B 81 13.89 -6.57 1.75
CA TYR B 81 13.26 -7.87 2.05
C TYR B 81 12.38 -8.29 0.91
N GLU B 82 12.07 -9.56 0.99
CA GLU B 82 10.97 -10.12 0.13
C GLU B 82 9.83 -10.29 1.15
N ASN B 83 8.61 -10.30 0.74
CA ASN B 83 7.48 -10.55 1.71
C ASN B 83 7.67 -11.99 2.21
N GLU B 84 7.71 -12.10 3.50
CA GLU B 84 7.97 -13.47 4.07
C GLU B 84 7.41 -13.61 5.45
N ILE B 85 6.73 -14.75 5.68
CA ILE B 85 6.29 -15.04 7.06
C ILE B 85 7.43 -15.87 7.68
N ILE B 86 8.04 -15.34 8.73
CA ILE B 86 9.17 -16.09 9.33
C ILE B 86 8.57 -17.17 10.24
N ASP B 87 7.68 -16.69 11.07
CA ASP B 87 6.95 -17.62 12.03
C ASP B 87 5.63 -16.91 12.39
N ASP B 88 4.96 -17.38 13.45
CA ASP B 88 3.66 -16.84 13.82
C ASP B 88 3.74 -15.39 14.35
N ASN B 89 4.90 -15.00 14.79
CA ASN B 89 5.02 -13.63 15.39
C ASN B 89 5.80 -12.61 14.53
N ILE B 90 6.45 -13.03 13.50
CA ILE B 90 7.30 -12.14 12.70
C ILE B 90 7.02 -12.25 11.26
N ILE B 91 6.83 -11.09 10.56
CA ILE B 91 6.67 -11.07 9.12
C ILE B 91 7.67 -9.98 8.59
N HIS B 92 8.21 -10.27 7.45
CA HIS B 92 9.07 -9.23 6.73
C HIS B 92 8.22 -8.68 5.60
N ALA B 93 8.17 -7.35 5.43
CA ALA B 93 7.33 -6.75 4.34
C ALA B 93 8.26 -5.82 3.53
N SER B 94 8.05 -5.82 2.22
CA SER B 94 8.96 -5.03 1.34
C SER B 94 8.44 -3.68 0.95
N SER B 95 7.22 -3.31 1.31
CA SER B 95 6.58 -2.05 1.10
C SER B 95 5.50 -1.82 2.13
N ILE B 96 5.12 -0.56 2.29
CA ILE B 96 4.01 -0.21 3.14
C ILE B 96 2.71 -0.89 2.70
N GLU B 97 2.43 -0.90 1.43
CA GLU B 97 1.22 -1.50 0.86
C GLU B 97 1.18 -3.00 1.19
N SER B 98 2.31 -3.70 1.11
CA SER B 98 2.34 -5.12 1.48
C SER B 98 2.04 -5.30 2.95
N SER B 99 2.73 -4.49 3.76
CA SER B 99 2.56 -4.54 5.21
C SER B 99 1.13 -4.38 5.61
N LEU B 100 0.31 -3.61 4.92
CA LEU B 100 -1.11 -3.47 5.22
C LEU B 100 -1.96 -4.58 4.66
N ASN B 101 -1.35 -5.44 3.86
CA ASN B 101 -2.04 -6.63 3.30
C ASN B 101 -1.67 -7.86 4.13
N LEU B 102 -0.86 -7.72 5.10
CA LEU B 102 -0.43 -8.89 5.94
C LEU B 102 -0.97 -8.83 7.34
N VAL B 103 -2.10 -8.20 7.61
CA VAL B 103 -2.70 -8.03 8.92
C VAL B 103 -4.16 -8.51 9.00
N SER B 104 -4.45 -9.57 8.24
CA SER B 104 -5.84 -10.11 8.15
C SER B 104 -6.28 -10.85 9.43
N ASP B 105 -5.38 -11.28 10.25
CA ASP B 105 -5.76 -12.05 11.47
C ASP B 105 -5.71 -11.23 12.74
N VAL B 106 -5.60 -9.92 12.69
CA VAL B 106 -5.46 -9.08 13.92
C VAL B 106 -6.64 -8.17 14.09
N GLU B 107 -6.80 -7.65 15.28
CA GLU B 107 -7.86 -6.71 15.64
C GLU B 107 -7.46 -5.25 15.25
N ARG B 108 -6.45 -4.69 15.81
CA ARG B 108 -5.94 -3.34 15.46
C ARG B 108 -4.52 -3.45 14.93
N VAL B 109 -4.11 -2.38 14.19
CA VAL B 109 -2.75 -2.37 13.66
C VAL B 109 -2.11 -1.11 14.29
N PHE B 110 -0.98 -1.19 14.85
CA PHE B 110 -0.24 -0.06 15.44
C PHE B 110 1.04 0.22 14.66
N ILE B 111 1.21 1.46 14.17
CA ILE B 111 2.46 1.83 13.49
C ILE B 111 3.32 2.38 14.64
N ILE B 112 4.42 1.75 14.98
CA ILE B 112 5.15 2.13 16.18
C ILE B 112 6.39 2.97 15.98
N GLY B 113 6.91 3.00 14.75
CA GLY B 113 8.17 3.79 14.52
C GLY B 113 8.99 3.20 13.41
N GLY B 114 10.11 3.79 13.00
CA GLY B 114 10.66 5.01 13.58
C GLY B 114 10.15 6.23 12.72
N ALA B 115 11.03 7.22 12.75
CA ALA B 115 10.82 8.49 12.08
C ALA B 115 10.35 8.37 10.66
N GLU B 116 11.14 7.67 9.85
CA GLU B 116 10.78 7.50 8.44
C GLU B 116 9.43 6.89 8.24
N ILE B 117 9.14 5.83 9.03
CA ILE B 117 7.81 5.18 8.89
C ILE B 117 6.73 6.14 9.30
N TYR B 118 6.95 6.94 10.36
CA TYR B 118 5.87 7.85 10.78
C TYR B 118 5.51 8.80 9.62
N ASN B 119 6.57 9.38 9.06
CA ASN B 119 6.47 10.36 8.00
C ASN B 119 5.84 9.80 6.78
N GLU B 120 6.00 8.54 6.44
CA GLU B 120 5.34 7.95 5.29
C GLU B 120 3.90 7.51 5.58
N LEU B 121 3.56 7.30 6.83
CA LEU B 121 2.19 6.79 7.08
C LEU B 121 1.20 7.82 7.47
N ILE B 122 1.62 8.97 7.95
CA ILE B 122 0.70 10.02 8.41
C ILE B 122 -0.30 10.42 7.34
N ASN B 123 0.08 10.32 6.06
CA ASN B 123 -0.86 10.71 5.01
C ASN B 123 -1.67 9.59 4.40
N ASN B 124 -1.49 8.39 4.91
CA ASN B 124 -2.26 7.22 4.39
C ASN B 124 -3.67 7.33 4.95
N SER B 125 -4.69 7.21 4.11
CA SER B 125 -6.08 7.31 4.53
C SER B 125 -6.47 6.12 5.45
N LEU B 126 -5.68 5.06 5.49
CA LEU B 126 -5.94 3.95 6.42
C LEU B 126 -5.65 4.30 7.86
N VAL B 127 -4.81 5.28 8.14
CA VAL B 127 -4.51 5.68 9.53
C VAL B 127 -5.66 6.54 9.99
N SER B 128 -6.43 6.16 10.99
CA SER B 128 -7.58 6.98 11.41
C SER B 128 -7.39 7.49 12.81
N HIS B 129 -6.31 7.05 13.46
CA HIS B 129 -6.02 7.56 14.81
C HIS B 129 -4.54 7.83 14.99
N LEU B 130 -4.15 8.80 15.80
CA LEU B 130 -2.84 9.09 16.28
C LEU B 130 -2.96 9.08 17.81
N LEU B 131 -2.14 8.30 18.43
CA LEU B 131 -2.08 8.28 19.92
C LEU B 131 -0.76 8.98 20.24
N ILE B 132 -0.85 10.20 20.74
CA ILE B 132 0.43 10.93 20.97
C ILE B 132 0.53 11.20 22.47
N THR B 133 1.69 10.75 22.97
CA THR B 133 1.99 11.07 24.35
C THR B 133 2.76 12.47 24.26
N GLU B 134 2.13 13.44 24.81
CA GLU B 134 2.68 14.84 24.80
C GLU B 134 3.46 15.02 26.08
N ILE B 135 4.75 15.11 25.86
CA ILE B 135 5.70 15.27 27.00
C ILE B 135 6.10 16.77 27.11
N GLU B 136 6.19 17.21 28.34
CA GLU B 136 6.63 18.67 28.52
C GLU B 136 7.76 18.60 29.53
N HIS B 137 8.59 19.64 29.42
CA HIS B 137 9.80 19.78 30.25
C HIS B 137 10.01 21.30 30.46
N PRO B 138 10.45 21.69 31.64
CA PRO B 138 10.70 23.09 31.96
C PRO B 138 11.60 23.79 30.95
N SER B 139 12.59 23.16 30.39
CA SER B 139 13.47 23.77 29.37
C SER B 139 13.83 22.71 28.31
N PRO B 140 12.89 22.57 27.39
CA PRO B 140 12.96 21.60 26.31
C PRO B 140 14.18 21.70 25.41
N GLU B 141 14.68 22.93 25.27
CA GLU B 141 15.87 23.19 24.42
C GLU B 141 17.14 22.56 24.96
N SER B 142 17.07 22.22 26.23
CA SER B 142 18.18 21.53 26.91
C SER B 142 18.22 20.04 26.53
N ILE B 143 17.17 19.58 25.83
CA ILE B 143 17.10 18.17 25.45
C ILE B 143 17.61 18.07 24.01
N GLU B 144 18.60 17.22 23.88
CA GLU B 144 19.25 16.94 22.61
C GLU B 144 18.43 16.09 21.64
N MET B 145 18.26 16.61 20.43
CA MET B 145 17.57 15.91 19.36
C MET B 145 17.75 16.29 17.90
N ASP B 146 17.67 15.27 17.06
CA ASP B 146 17.80 15.43 15.60
C ASP B 146 16.67 14.79 14.82
N THR B 147 15.58 14.47 15.48
CA THR B 147 14.45 13.77 14.81
C THR B 147 13.16 14.33 15.38
N PHE B 148 12.29 14.73 14.48
CA PHE B 148 11.01 15.38 14.80
C PHE B 148 9.87 14.80 13.98
N LEU B 149 8.65 15.07 14.45
CA LEU B 149 7.48 14.63 13.70
C LEU B 149 7.11 15.76 12.72
N LYS B 150 6.74 15.34 11.56
CA LYS B 150 6.29 16.36 10.52
C LYS B 150 4.83 16.03 10.26
N PHE B 151 4.00 16.33 11.27
CA PHE B 151 2.55 16.02 11.08
C PHE B 151 1.76 17.30 10.82
N PRO B 152 0.78 17.19 9.96
CA PRO B 152 -0.11 18.32 9.64
C PRO B 152 -1.23 18.35 10.67
N LEU B 153 -0.87 18.70 11.90
CA LEU B 153 -1.78 18.71 13.03
C LEU B 153 -3.02 19.50 12.83
N GLU B 154 -2.95 20.46 11.94
CA GLU B 154 -4.11 21.30 11.59
C GLU B 154 -5.15 20.49 10.86
N SER B 155 -4.80 19.31 10.35
CA SER B 155 -5.75 18.41 9.66
C SER B 155 -6.17 17.23 10.60
N TRP B 156 -5.91 17.41 11.87
CA TRP B 156 -6.30 16.43 12.91
C TRP B 156 -6.96 17.18 14.08
N THR B 157 -7.84 16.53 14.84
CA THR B 157 -8.51 17.20 15.96
C THR B 157 -8.12 16.33 17.19
N LYS B 158 -7.73 16.93 18.24
CA LYS B 158 -7.41 16.17 19.47
C LYS B 158 -8.76 15.86 20.10
N GLN B 159 -9.08 14.67 20.46
CA GLN B 159 -10.36 14.31 21.12
C GLN B 159 -10.33 14.44 22.64
N PRO B 160 -11.53 14.49 23.24
CA PRO B 160 -11.65 14.56 24.71
C PRO B 160 -11.10 13.26 25.28
N LYS B 161 -10.71 13.30 26.52
CA LYS B 161 -10.15 12.11 27.22
C LYS B 161 -11.15 10.96 27.19
N SER B 162 -12.42 11.29 27.22
CA SER B 162 -13.45 10.25 27.24
C SER B 162 -13.35 9.44 25.94
N GLU B 163 -12.87 10.06 24.87
CA GLU B 163 -12.76 9.21 23.64
C GLU B 163 -11.54 8.35 23.73
N LEU B 164 -10.47 8.88 24.32
CA LEU B 164 -9.26 8.04 24.51
C LEU B 164 -9.65 6.88 25.43
N GLN B 165 -10.34 7.14 26.49
CA GLN B 165 -10.72 6.13 27.48
C GLN B 165 -11.51 5.01 26.79
N LYS B 166 -12.38 5.43 25.88
CA LYS B 166 -13.15 4.38 25.15
C LYS B 166 -12.19 3.50 24.36
N PHE B 167 -11.23 4.09 23.67
CA PHE B 167 -10.27 3.36 22.84
C PHE B 167 -9.43 2.38 23.65
N VAL B 168 -8.96 2.76 24.80
CA VAL B 168 -8.02 1.96 25.60
C VAL B 168 -8.73 1.02 26.55
N GLY B 169 -10.02 1.18 26.68
CA GLY B 169 -10.81 0.26 27.56
C GLY B 169 -10.67 0.58 29.04
N ASP B 170 -10.08 -0.38 29.71
CA ASP B 170 -9.88 -0.39 31.15
C ASP B 170 -8.60 0.26 31.61
N THR B 171 -7.65 0.50 30.74
CA THR B 171 -6.37 1.13 31.06
C THR B 171 -6.63 2.44 31.85
N VAL B 172 -5.86 2.59 32.91
CA VAL B 172 -5.93 3.78 33.76
C VAL B 172 -5.09 4.89 33.09
N LEU B 173 -5.82 5.99 32.95
CA LEU B 173 -5.30 7.23 32.37
C LEU B 173 -5.18 8.34 33.39
N GLU B 174 -4.01 8.46 33.94
CA GLU B 174 -3.70 9.57 34.86
C GLU B 174 -3.33 10.82 34.08
N ASP B 175 -3.70 11.98 34.60
CA ASP B 175 -3.37 13.26 33.91
C ASP B 175 -2.06 13.74 34.54
N ASP B 176 -1.33 14.50 33.81
CA ASP B 176 -0.14 15.23 34.21
C ASP B 176 0.80 14.35 34.94
N ILE B 177 1.16 13.23 34.30
CA ILE B 177 2.07 12.27 34.97
C ILE B 177 3.45 12.96 35.11
N LYS B 178 4.07 12.78 36.25
CA LYS B 178 5.42 13.27 36.49
C LYS B 178 6.43 12.17 36.65
N GLU B 179 7.55 12.31 35.97
CA GLU B 179 8.69 11.36 36.19
C GLU B 179 9.93 12.23 36.05
N GLY B 180 10.62 12.49 37.13
CA GLY B 180 11.83 13.41 37.01
C GLY B 180 11.30 14.81 36.62
N ASP B 181 11.96 15.36 35.61
CA ASP B 181 11.59 16.70 35.13
C ASP B 181 10.49 16.69 34.10
N PHE B 182 10.13 15.48 33.63
CA PHE B 182 9.07 15.38 32.59
C PHE B 182 7.66 15.31 33.18
N THR B 183 6.73 15.93 32.45
CA THR B 183 5.28 15.88 32.70
C THR B 183 4.63 15.42 31.38
N TYR B 184 3.71 14.46 31.46
CA TYR B 184 3.09 13.94 30.25
C TYR B 184 1.66 13.55 30.39
N ASN B 185 1.05 13.49 29.20
CA ASN B 185 -0.39 13.19 29.07
C ASN B 185 -0.58 12.38 27.79
N TYR B 186 -1.59 11.55 27.88
CA TYR B 186 -1.90 10.67 26.67
C TYR B 186 -2.98 11.39 25.88
N THR B 187 -2.91 11.35 24.57
CA THR B 187 -3.95 12.02 23.73
C THR B 187 -4.32 11.15 22.53
N LEU B 188 -5.50 11.41 22.03
CA LEU B 188 -6.07 10.76 20.86
C LEU B 188 -6.54 11.89 19.90
N TRP B 189 -6.16 11.70 18.68
CA TRP B 189 -6.47 12.60 17.56
C TRP B 189 -7.16 11.81 16.46
N THR B 190 -8.09 12.44 15.77
CA THR B 190 -8.77 11.87 14.60
C THR B 190 -8.74 12.92 13.48
N ARG B 191 -8.90 12.50 12.24
CA ARG B 191 -8.81 13.42 11.09
C ARG B 191 -9.94 14.44 10.99
N LYS B 192 -9.55 15.61 10.46
CA LYS B 192 -10.55 16.68 10.24
C LYS B 192 -11.16 16.48 8.84
#